data_6GRF
#
_entry.id   6GRF
#
_cell.length_a   143.862
_cell.length_b   143.862
_cell.length_c   59.722
_cell.angle_alpha   90.00
_cell.angle_beta   90.00
_cell.angle_gamma   120.00
#
_symmetry.space_group_name_H-M   'P 32 2 1'
#
loop_
_entity.id
_entity.type
_entity.pdbx_description
1 polymer 'Cysteine-rich repeat secretory protein 15'
2 non-polymer 2-acetamido-2-deoxy-beta-D-glucopyranose
3 water water
#
_entity_poly.entity_id   1
_entity_poly.type   'polypeptide(L)'
_entity_poly.pdbx_seq_one_letter_code
;SSSESHIFIYGGCSPEKYTPNTPFESNRDTFLSSVVTSSSDASFNSFAVGNDSSSSSSSSAVFGLYQCRDDLRSSDCSKC
IQTSVDQITLICPYSYGASLQLEGCFLRYETNDFLGKPDTSLRYKKCSSKSVENDYDFFKRRDDVLSDLESTQLGYKVSR
SGLVEGYAQCVGDLSPSDCTACLAESVGKLKNLCGSAVAAEVYLAQCYARYWGSGYYDFSSDPTNGDHVGKSLEGSENLY
FQ
;
_entity_poly.pdbx_strand_id   A,B,C
#
loop_
_chem_comp.id
_chem_comp.type
_chem_comp.name
_chem_comp.formula
NAG D-saccharide, beta linking 2-acetamido-2-deoxy-beta-D-glucopyranose 'C8 H15 N O6'
#
# COMPACT_ATOMS: atom_id res chain seq x y z
N GLU A 4 14.03 15.82 7.32
CA GLU A 4 13.71 16.47 8.63
C GLU A 4 13.50 15.39 9.70
N SER A 5 12.74 15.76 10.73
CA SER A 5 12.77 15.09 12.02
C SER A 5 11.60 14.11 12.16
N HIS A 6 10.99 13.65 11.04
CA HIS A 6 9.70 12.95 11.13
C HIS A 6 9.72 11.55 10.50
N ILE A 7 10.81 11.14 9.85
CA ILE A 7 10.88 9.81 9.17
C ILE A 7 11.01 8.68 10.21
N PHE A 8 10.44 7.53 9.84
CA PHE A 8 10.30 6.35 10.69
C PHE A 8 11.62 5.58 10.76
N ILE A 9 12.11 5.30 11.98
CA ILE A 9 13.32 4.51 12.16
C ILE A 9 12.93 3.09 12.58
N TYR A 10 12.25 2.95 13.73
CA TYR A 10 11.81 1.63 14.18
C TYR A 10 10.67 1.78 15.20
N GLY A 11 9.89 0.71 15.32
CA GLY A 11 8.84 0.59 16.30
C GLY A 11 8.72 -0.83 16.79
N GLY A 12 8.21 -1.00 18.01
CA GLY A 12 7.96 -2.31 18.60
C GLY A 12 6.82 -2.24 19.60
N CYS A 13 6.01 -3.30 19.65
CA CYS A 13 4.93 -3.37 20.62
C CYS A 13 5.05 -4.66 21.40
N SER A 14 4.48 -4.63 22.60
CA SER A 14 4.38 -5.79 23.43
C SER A 14 3.45 -6.79 22.75
N PRO A 15 3.74 -8.10 22.85
CA PRO A 15 2.78 -9.11 22.38
C PRO A 15 1.46 -9.10 23.16
N GLU A 16 1.48 -8.62 24.42
CA GLU A 16 0.30 -8.59 25.31
C GLU A 16 -0.57 -7.39 24.94
N LYS A 17 -1.87 -7.66 24.73
CA LYS A 17 -2.82 -6.65 24.28
C LYS A 17 -3.85 -6.35 25.39
N TYR A 18 -4.27 -5.09 25.45
CA TYR A 18 -5.32 -4.64 26.35
C TYR A 18 -6.65 -4.60 25.58
N THR A 19 -7.76 -4.51 26.32
CA THR A 19 -9.09 -4.47 25.74
C THR A 19 -9.66 -3.05 25.89
N PRO A 20 -10.52 -2.60 24.95
CA PRO A 20 -11.20 -1.32 25.07
C PRO A 20 -11.98 -1.17 26.39
N ASN A 21 -12.17 0.09 26.85
CA ASN A 21 -13.00 0.42 28.01
C ASN A 21 -12.47 -0.25 29.28
N THR A 22 -11.15 -0.18 29.45
CA THR A 22 -10.50 -0.59 30.67
C THR A 22 -9.75 0.61 31.25
N PRO A 23 -9.50 0.63 32.58
CA PRO A 23 -8.65 1.65 33.17
C PRO A 23 -7.29 1.83 32.48
N PHE A 24 -6.68 0.75 31.99
CA PHE A 24 -5.42 0.88 31.30
C PHE A 24 -5.58 1.73 30.01
N GLU A 25 -6.65 1.49 29.24
CA GLU A 25 -6.87 2.29 28.03
C GLU A 25 -6.92 3.78 28.41
N SER A 26 -7.67 4.10 29.47
CA SER A 26 -7.82 5.47 29.98
C SER A 26 -6.45 6.03 30.39
N ASN A 27 -5.66 5.21 31.08
CA ASN A 27 -4.37 5.62 31.63
C ASN A 27 -3.39 5.92 30.48
N ARG A 28 -3.45 5.08 29.44
CA ARG A 28 -2.66 5.24 28.23
C ARG A 28 -3.04 6.56 27.56
N ASP A 29 -4.34 6.85 27.39
CA ASP A 29 -4.76 8.09 26.72
C ASP A 29 -4.23 9.30 27.50
N THR A 30 -4.37 9.26 28.82
CA THR A 30 -3.97 10.33 29.71
C THR A 30 -2.47 10.57 29.57
N PHE A 31 -1.71 9.47 29.56
CA PHE A 31 -0.28 9.52 29.34
C PHE A 31 0.03 10.26 28.03
N LEU A 32 -0.56 9.81 26.91
CA LEU A 32 -0.21 10.35 25.57
C LEU A 32 -0.60 11.84 25.50
N SER A 33 -1.75 12.17 26.08
CA SER A 33 -2.19 13.53 26.20
C SER A 33 -1.15 14.38 26.96
N SER A 34 -0.54 13.83 28.02
CA SER A 34 0.46 14.54 28.86
C SER A 34 1.75 14.77 28.06
N VAL A 35 2.11 13.80 27.23
CA VAL A 35 3.32 13.82 26.42
C VAL A 35 3.23 15.01 25.46
N VAL A 36 2.06 15.23 24.88
CA VAL A 36 1.84 16.33 23.94
C VAL A 36 1.92 17.66 24.71
N THR A 37 1.28 17.73 25.87
CA THR A 37 1.27 18.92 26.72
C THR A 37 2.72 19.29 27.10
N SER A 38 3.49 18.31 27.57
CA SER A 38 4.87 18.49 28.08
C SER A 38 5.82 18.92 26.95
N SER A 39 5.60 18.35 25.76
CA SER A 39 6.30 18.67 24.50
C SER A 39 6.68 20.15 24.36
N SER A 40 5.69 21.02 24.59
CA SER A 40 5.78 22.46 24.30
C SER A 40 7.07 23.06 24.86
N ASP A 41 7.50 22.67 26.06
CA ASP A 41 8.64 23.34 26.71
C ASP A 41 9.58 22.39 27.44
N ALA A 42 9.60 21.11 27.07
CA ALA A 42 10.67 20.23 27.51
C ALA A 42 10.93 19.18 26.44
N SER A 43 12.22 18.91 26.21
CA SER A 43 12.69 17.95 25.22
C SER A 43 12.59 16.51 25.73
N PHE A 44 12.53 16.35 27.06
CA PHE A 44 12.40 15.05 27.71
C PHE A 44 11.46 15.18 28.91
N ASN A 45 10.64 14.15 29.14
CA ASN A 45 9.92 14.04 30.39
C ASN A 45 9.50 12.59 30.62
N SER A 46 9.24 12.32 31.89
CA SER A 46 8.94 11.03 32.46
C SER A 46 7.53 11.08 33.07
N PHE A 47 6.76 9.99 33.02
CA PHE A 47 5.41 9.97 33.55
C PHE A 47 5.06 8.62 34.18
N ALA A 48 4.24 8.67 35.23
CA ALA A 48 3.54 7.52 35.76
C ALA A 48 2.07 7.90 35.93
N VAL A 49 1.17 7.14 35.32
CA VAL A 49 -0.26 7.29 35.56
C VAL A 49 -0.78 6.01 36.19
N GLY A 50 -1.32 6.13 37.40
CA GLY A 50 -2.13 5.09 38.01
C GLY A 50 -1.35 4.19 38.95
N ASN A 51 -1.89 2.99 39.11
CA ASN A 51 -1.79 2.23 40.31
C ASN A 51 -1.60 0.75 39.94
N ASP A 52 -0.79 0.06 40.76
CA ASP A 52 -0.23 -1.26 40.45
C ASP A 52 -1.35 -2.30 40.35
N SER A 53 -1.32 -3.11 39.27
CA SER A 53 -2.33 -4.16 38.99
C SER A 53 -1.79 -5.54 39.35
N SER A 57 -3.21 -6.99 32.54
CA SER A 57 -4.25 -6.58 33.49
C SER A 57 -4.89 -5.26 33.02
N SER A 58 -6.21 -5.16 33.21
CA SER A 58 -7.05 -4.06 32.66
C SER A 58 -6.93 -2.77 33.49
N SER A 59 -6.47 -2.87 34.76
CA SER A 59 -6.43 -1.76 35.76
C SER A 59 -5.02 -1.14 35.87
N SER A 60 -4.10 -1.65 35.05
CA SER A 60 -2.69 -1.41 35.18
C SER A 60 -2.35 0.08 35.00
N ALA A 61 -1.28 0.46 35.71
CA ALA A 61 -0.63 1.71 35.58
C ALA A 61 0.11 1.76 34.23
N VAL A 62 0.35 2.99 33.77
CA VAL A 62 1.19 3.27 32.61
C VAL A 62 2.44 4.01 33.10
N PHE A 63 3.59 3.62 32.54
CA PHE A 63 4.86 4.28 32.74
C PHE A 63 5.43 4.59 31.36
N GLY A 64 5.93 5.80 31.17
CA GLY A 64 6.45 6.16 29.87
C GLY A 64 7.30 7.40 29.90
N LEU A 65 7.93 7.69 28.76
CA LEU A 65 8.74 8.87 28.55
C LEU A 65 8.78 9.20 27.05
N TYR A 66 9.26 10.40 26.75
CA TYR A 66 9.63 10.82 25.42
C TYR A 66 10.98 11.52 25.50
N GLN A 67 11.71 11.50 24.38
CA GLN A 67 12.98 12.21 24.24
C GLN A 67 13.03 12.75 22.81
N CYS A 68 13.04 14.08 22.66
CA CYS A 68 13.32 14.71 21.38
C CYS A 68 14.83 14.82 21.19
N ARG A 69 15.26 14.95 19.94
CA ARG A 69 16.63 15.32 19.65
C ARG A 69 16.91 16.65 20.37
N ASP A 70 17.93 16.64 21.23
CA ASP A 70 18.29 17.80 22.07
C ASP A 70 18.80 18.98 21.23
N ASP A 71 19.16 18.74 19.96
CA ASP A 71 19.69 19.81 19.10
C ASP A 71 18.57 20.41 18.21
N LEU A 72 17.31 20.28 18.65
CA LEU A 72 16.17 20.79 17.88
C LEU A 72 15.34 21.76 18.73
N ARG A 73 14.59 22.62 18.03
CA ARG A 73 13.83 23.72 18.63
C ARG A 73 12.56 23.15 19.28
N SER A 74 11.95 23.95 20.16
CA SER A 74 10.71 23.61 20.90
C SER A 74 9.63 23.12 19.94
N SER A 75 9.23 24.01 19.02
CA SER A 75 8.12 23.80 18.10
C SER A 75 8.34 22.53 17.25
N ASP A 76 9.61 22.23 16.96
CA ASP A 76 9.98 21.05 16.18
C ASP A 76 9.79 19.79 17.03
N CYS A 77 10.12 19.88 18.31
CA CYS A 77 9.97 18.76 19.24
C CYS A 77 8.48 18.40 19.39
N SER A 78 7.62 19.43 19.53
CA SER A 78 6.15 19.25 19.67
C SER A 78 5.56 18.60 18.40
N LYS A 79 5.93 19.11 17.23
CA LYS A 79 5.45 18.58 15.95
CA LYS A 79 5.43 18.57 15.97
C LYS A 79 5.76 17.08 15.89
N CYS A 80 7.01 16.72 16.18
CA CYS A 80 7.53 15.35 16.12
C CYS A 80 6.76 14.46 17.10
N ILE A 81 6.50 14.98 18.31
CA ILE A 81 5.85 14.23 19.36
C ILE A 81 4.37 14.03 19.00
N GLN A 82 3.69 15.06 18.47
CA GLN A 82 2.30 14.90 18.03
C GLN A 82 2.25 13.79 16.97
N THR A 83 3.18 13.82 16.02
CA THR A 83 3.23 12.83 14.94
C THR A 83 3.44 11.42 15.54
N SER A 84 4.29 11.39 16.56
CA SER A 84 4.71 10.20 17.25
C SER A 84 3.52 9.55 18.00
N VAL A 85 2.73 10.37 18.67
CA VAL A 85 1.56 9.88 19.43
C VAL A 85 0.55 9.25 18.45
N ASP A 86 0.35 9.87 17.28
CA ASP A 86 -0.54 9.35 16.27
C ASP A 86 0.04 8.03 15.72
N GLN A 87 1.32 8.03 15.38
CA GLN A 87 1.92 6.86 14.74
C GLN A 87 1.91 5.65 15.68
N ILE A 88 2.25 5.86 16.96
CA ILE A 88 2.46 4.74 17.88
C ILE A 88 1.12 4.00 18.08
N THR A 89 0.02 4.78 18.10
CA THR A 89 -1.35 4.23 18.15
C THR A 89 -1.64 3.42 16.88
N LEU A 90 -1.18 3.92 15.73
CA LEU A 90 -1.41 3.34 14.41
C LEU A 90 -0.72 1.97 14.29
N ILE A 91 0.58 1.89 14.60
CA ILE A 91 1.33 0.63 14.39
C ILE A 91 1.15 -0.33 15.57
N CYS A 92 0.71 0.17 16.73
CA CYS A 92 0.58 -0.66 17.93
C CYS A 92 -0.79 -0.44 18.58
N PRO A 93 -1.90 -0.84 17.91
CA PRO A 93 -3.25 -0.50 18.36
C PRO A 93 -3.63 -0.74 19.85
N TYR A 94 -3.35 -1.92 20.37
CA TYR A 94 -3.90 -2.33 21.66
C TYR A 94 -2.80 -2.96 22.51
N SER A 95 -1.59 -2.40 22.44
CA SER A 95 -0.44 -2.94 23.12
C SER A 95 -0.34 -2.35 24.53
N TYR A 96 0.00 -3.22 25.49
CA TYR A 96 0.31 -2.81 26.86
C TYR A 96 1.62 -2.04 26.91
N GLY A 97 2.49 -2.31 25.93
CA GLY A 97 3.78 -1.65 25.80
C GLY A 97 4.10 -1.37 24.35
N ALA A 98 4.79 -0.25 24.11
CA ALA A 98 5.13 0.19 22.77
C ALA A 98 6.28 1.19 22.83
N SER A 99 7.09 1.18 21.78
CA SER A 99 8.11 2.20 21.60
C SER A 99 8.18 2.56 20.11
N LEU A 100 8.60 3.80 19.84
CA LEU A 100 8.64 4.35 18.51
C LEU A 100 9.78 5.36 18.43
N GLN A 101 10.66 5.17 17.44
CA GLN A 101 11.76 6.05 17.18
C GLN A 101 11.57 6.65 15.78
N LEU A 102 11.32 7.96 15.75
CA LEU A 102 11.38 8.77 14.55
C LEU A 102 12.75 9.45 14.54
N GLU A 103 13.14 10.04 13.40
CA GLU A 103 14.42 10.73 13.32
C GLU A 103 14.55 11.75 14.46
N GLY A 104 13.48 12.47 14.76
CA GLY A 104 13.50 13.59 15.68
C GLY A 104 13.16 13.23 17.12
N CYS A 105 12.52 12.08 17.37
CA CYS A 105 11.99 11.85 18.72
C CYS A 105 11.72 10.36 18.97
N PHE A 106 11.69 10.04 20.27
CA PHE A 106 11.47 8.73 20.77
C PHE A 106 10.33 8.78 21.79
N LEU A 107 9.41 7.83 21.69
CA LEU A 107 8.27 7.73 22.60
C LEU A 107 8.17 6.29 23.09
N ARG A 108 7.93 6.10 24.40
CA ARG A 108 7.87 4.77 24.99
C ARG A 108 6.87 4.76 26.15
N TYR A 109 6.12 3.66 26.24
CA TYR A 109 5.32 3.39 27.43
C TYR A 109 5.23 1.88 27.66
N GLU A 110 5.05 1.51 28.93
CA GLU A 110 4.85 0.12 29.33
C GLU A 110 4.00 0.07 30.61
N THR A 111 3.64 -1.15 31.00
CA THR A 111 2.91 -1.45 32.23
CA THR A 111 2.91 -1.35 32.24
C THR A 111 3.88 -1.71 33.39
N ASN A 112 5.17 -1.85 33.09
CA ASN A 112 6.20 -2.07 34.12
C ASN A 112 7.02 -0.77 34.27
N ASP A 113 7.52 -0.54 35.48
CA ASP A 113 8.20 0.68 35.80
C ASP A 113 9.68 0.51 35.39
N PHE A 114 10.00 0.94 34.18
CA PHE A 114 11.34 0.85 33.60
C PHE A 114 12.11 2.17 33.80
N LEU A 115 11.45 3.20 34.34
CA LEU A 115 11.99 4.56 34.39
C LEU A 115 13.25 4.59 35.26
N GLY A 116 14.36 5.09 34.70
CA GLY A 116 15.59 5.32 35.46
C GLY A 116 16.53 4.12 35.51
N LYS A 117 16.06 2.94 35.10
CA LYS A 117 16.83 1.71 35.27
C LYS A 117 17.70 1.49 34.04
N PRO A 118 18.97 1.07 34.20
CA PRO A 118 19.85 0.80 33.07
C PRO A 118 19.29 -0.37 32.24
N ASP A 119 19.41 -0.25 30.92
CA ASP A 119 18.96 -1.26 29.98
C ASP A 119 19.70 -1.05 28.65
N THR A 120 20.61 -1.99 28.33
CA THR A 120 21.46 -1.86 27.17
C THR A 120 21.04 -2.86 26.08
N SER A 121 19.85 -3.44 26.17
CA SER A 121 19.44 -4.43 25.18
C SER A 121 19.31 -3.74 23.82
N LEU A 122 19.64 -4.48 22.76
CA LEU A 122 19.59 -3.99 21.40
C LEU A 122 18.13 -3.88 20.94
N ARG A 123 17.74 -2.68 20.50
CA ARG A 123 16.39 -2.45 20.00
C ARG A 123 16.37 -2.48 18.47
N TYR A 124 17.37 -1.87 17.83
CA TYR A 124 17.43 -1.77 16.39
C TYR A 124 18.85 -1.39 15.95
N LYS A 125 19.27 -1.94 14.81
CA LYS A 125 20.54 -1.59 14.21
C LYS A 125 20.42 -1.67 12.69
N LYS A 126 21.18 -0.83 12.01
CA LYS A 126 21.28 -0.84 10.57
C LYS A 126 22.73 -0.51 10.20
N CYS A 127 23.37 -1.43 9.46
CA CYS A 127 24.65 -1.18 8.81
C CYS A 127 24.38 -0.83 7.35
N SER A 128 25.09 0.19 6.84
CA SER A 128 25.11 0.53 5.43
C SER A 128 25.48 -0.71 4.61
N SER A 129 24.92 -0.79 3.41
CA SER A 129 25.21 -1.86 2.48
C SER A 129 26.63 -1.69 1.91
N LYS A 130 27.05 -0.43 1.77
CA LYS A 130 28.41 -0.08 1.31
C LYS A 130 29.42 -0.23 2.46
N SER A 131 30.47 -1.02 2.20
CA SER A 131 31.59 -1.24 3.09
C SER A 131 32.82 -0.47 2.58
N VAL A 132 33.63 0.01 3.53
CA VAL A 132 34.94 0.57 3.26
C VAL A 132 35.94 -0.59 3.36
N GLU A 133 36.86 -0.64 2.39
CA GLU A 133 37.92 -1.61 2.37
C GLU A 133 39.21 -0.87 1.97
N ASN A 134 40.34 -1.36 2.48
CA ASN A 134 41.69 -0.82 2.20
C ASN A 134 41.74 0.68 2.48
N ASP A 135 41.34 1.06 3.69
CA ASP A 135 41.33 2.45 4.13
C ASP A 135 41.38 2.44 5.66
N TYR A 136 42.59 2.17 6.16
CA TYR A 136 42.89 2.14 7.56
C TYR A 136 42.53 3.47 8.22
N ASP A 137 42.73 4.58 7.47
CA ASP A 137 42.51 5.92 7.99
C ASP A 137 41.03 6.11 8.35
N PHE A 138 40.12 5.62 7.51
CA PHE A 138 38.70 5.69 7.78
C PHE A 138 38.38 5.06 9.14
N PHE A 139 38.96 3.90 9.41
CA PHE A 139 38.64 3.12 10.59
C PHE A 139 39.27 3.77 11.83
N LYS A 140 40.44 4.39 11.69
CA LYS A 140 41.06 5.08 12.80
C LYS A 140 40.21 6.31 13.17
N ARG A 141 39.67 7.00 12.15
CA ARG A 141 38.87 8.20 12.38
C ARG A 141 37.53 7.79 13.01
N ARG A 142 36.97 6.67 12.56
CA ARG A 142 35.77 6.14 13.15
C ARG A 142 36.00 5.87 14.63
N ASP A 143 37.09 5.16 14.95
CA ASP A 143 37.47 4.88 16.32
C ASP A 143 37.54 6.17 17.15
N ASP A 144 38.19 7.22 16.62
CA ASP A 144 38.29 8.49 17.37
C ASP A 144 36.88 9.08 17.60
N VAL A 145 36.02 9.01 16.59
CA VAL A 145 34.68 9.57 16.67
C VAL A 145 33.86 8.82 17.73
N LEU A 146 33.88 7.49 17.66
CA LEU A 146 33.10 6.63 18.56
C LEU A 146 33.62 6.76 19.99
N SER A 147 34.93 6.95 20.14
CA SER A 147 35.51 7.14 21.46
C SER A 147 35.01 8.45 22.08
N ASP A 148 34.87 9.49 21.27
CA ASP A 148 34.39 10.79 21.73
C ASP A 148 32.90 10.71 22.11
N LEU A 149 32.09 10.02 21.29
CA LEU A 149 30.65 9.82 21.53
C LEU A 149 30.42 9.16 22.90
N GLU A 150 31.23 8.14 23.19
CA GLU A 150 31.20 7.34 24.43
C GLU A 150 31.46 8.19 25.68
N SER A 151 31.99 9.41 25.49
CA SER A 151 32.37 10.33 26.58
C SER A 151 31.14 11.05 27.14
N THR A 152 30.05 11.02 26.37
CA THR A 152 28.82 11.69 26.72
C THR A 152 28.31 11.18 28.08
N GLN A 153 27.86 12.13 28.90
CA GLN A 153 27.29 11.87 30.25
C GLN A 153 25.80 12.30 30.29
N LEU A 154 25.50 13.42 29.62
CA LEU A 154 24.15 13.99 29.52
C LEU A 154 23.90 14.39 28.06
N GLY A 155 22.66 14.21 27.61
CA GLY A 155 22.20 14.76 26.36
C GLY A 155 22.84 14.07 25.17
N TYR A 156 23.46 14.88 24.29
CA TYR A 156 23.89 14.44 22.99
C TYR A 156 25.33 14.89 22.79
N LYS A 157 25.99 14.25 21.82
CA LYS A 157 27.31 14.67 21.32
C LYS A 157 27.29 14.53 19.80
N VAL A 158 27.80 15.57 19.13
CA VAL A 158 28.18 15.54 17.72
C VAL A 158 29.70 15.41 17.67
N SER A 159 30.22 14.47 16.88
CA SER A 159 31.66 14.28 16.76
C SER A 159 32.09 14.13 15.29
N ARG A 160 33.33 14.52 15.01
CA ARG A 160 33.83 14.66 13.65
C ARG A 160 35.35 14.47 13.68
N SER A 161 35.85 13.67 12.74
CA SER A 161 37.28 13.49 12.54
C SER A 161 37.48 13.14 11.08
N GLY A 162 38.11 14.05 10.33
CA GLY A 162 38.19 13.94 8.89
C GLY A 162 36.81 13.93 8.28
N LEU A 163 36.55 12.93 7.43
CA LEU A 163 35.26 12.82 6.78
C LEU A 163 34.31 11.89 7.56
N VAL A 164 34.67 11.53 8.80
CA VAL A 164 33.80 10.70 9.62
C VAL A 164 33.07 11.56 10.65
N GLU A 165 31.74 11.42 10.69
CA GLU A 165 30.85 12.15 11.59
CA GLU A 165 30.87 12.15 11.61
C GLU A 165 30.06 11.14 12.42
N GLY A 166 29.70 11.53 13.64
CA GLY A 166 28.95 10.70 14.57
C GLY A 166 27.97 11.52 15.40
N TYR A 167 26.95 10.83 15.92
CA TYR A 167 25.93 11.41 16.79
C TYR A 167 25.53 10.34 17.80
N ALA A 168 25.48 10.72 19.07
CA ALA A 168 24.96 9.87 20.13
C ALA A 168 24.05 10.68 21.06
N GLN A 169 23.07 9.98 21.63
CA GLN A 169 22.04 10.57 22.48
C GLN A 169 21.73 9.53 23.57
N CYS A 170 21.76 9.99 24.83
CA CYS A 170 21.20 9.24 25.97
C CYS A 170 19.80 9.75 26.30
N VAL A 171 18.89 8.81 26.57
CA VAL A 171 17.53 9.18 27.00
C VAL A 171 17.64 9.78 28.42
N GLY A 172 16.87 10.84 28.66
CA GLY A 172 17.02 11.74 29.81
C GLY A 172 16.66 11.13 31.16
N ASP A 173 16.25 9.84 31.21
CA ASP A 173 15.96 9.15 32.47
C ASP A 173 17.21 8.49 33.07
N LEU A 174 18.35 8.53 32.36
CA LEU A 174 19.58 7.87 32.81
C LEU A 174 20.45 8.82 33.63
N SER A 175 21.11 8.27 34.65
CA SER A 175 22.17 8.96 35.35
C SER A 175 23.37 9.08 34.42
N PRO A 176 24.31 10.02 34.68
CA PRO A 176 25.56 10.12 33.93
C PRO A 176 26.35 8.81 33.79
N SER A 177 26.54 8.09 34.90
CA SER A 177 27.28 6.83 34.90
CA SER A 177 27.29 6.84 34.89
C SER A 177 26.59 5.84 33.97
N ASP A 178 25.26 5.77 34.04
CA ASP A 178 24.48 4.83 33.26
C ASP A 178 24.46 5.23 31.78
N CYS A 179 24.44 6.53 31.49
CA CYS A 179 24.55 7.04 30.14
C CYS A 179 25.89 6.59 29.51
N THR A 180 26.99 6.75 30.25
CA THR A 180 28.34 6.35 29.77
C THR A 180 28.34 4.85 29.42
N ALA A 181 27.79 4.01 30.32
CA ALA A 181 27.75 2.55 30.15
C ALA A 181 26.85 2.17 28.95
N CYS A 182 25.73 2.88 28.79
CA CYS A 182 24.82 2.61 27.70
C CYS A 182 25.51 2.90 26.36
N LEU A 183 26.17 4.06 26.26
CA LEU A 183 26.84 4.46 25.01
C LEU A 183 28.05 3.55 24.75
N ALA A 184 28.75 3.15 25.82
CA ALA A 184 29.86 2.19 25.69
C ALA A 184 29.36 0.92 25.02
N GLU A 185 28.20 0.42 25.43
CA GLU A 185 27.61 -0.76 24.82
C GLU A 185 27.22 -0.48 23.35
N SER A 186 26.66 0.71 23.07
CA SER A 186 26.27 1.09 21.70
C SER A 186 27.46 0.98 20.73
N VAL A 187 28.58 1.55 21.16
CA VAL A 187 29.76 1.68 20.35
C VAL A 187 30.34 0.28 20.11
N GLY A 188 30.40 -0.51 21.19
CA GLY A 188 30.78 -1.91 21.09
C GLY A 188 29.97 -2.61 20.01
N LYS A 189 28.67 -2.33 19.98
CA LYS A 189 27.76 -2.98 19.06
C LYS A 189 28.00 -2.49 17.63
N LEU A 190 28.24 -1.18 17.47
CA LEU A 190 28.52 -0.61 16.17
C LEU A 190 29.74 -1.32 15.60
N LYS A 191 30.77 -1.51 16.43
CA LYS A 191 32.02 -2.13 16.00
C LYS A 191 31.78 -3.60 15.65
N ASN A 192 30.98 -4.31 16.45
CA ASN A 192 30.98 -5.77 16.39
C ASN A 192 29.93 -6.27 15.39
N LEU A 193 28.87 -5.49 15.15
CA LEU A 193 27.82 -5.87 14.18
C LEU A 193 28.05 -5.26 12.79
N CYS A 194 28.69 -4.08 12.73
CA CYS A 194 28.85 -3.33 11.49
C CYS A 194 30.33 -3.03 11.23
N GLY A 195 31.15 -4.09 11.21
CA GLY A 195 32.59 -3.95 11.26
C GLY A 195 33.14 -2.96 10.24
N SER A 196 32.70 -3.08 8.97
CA SER A 196 33.35 -2.40 7.84
C SER A 196 32.45 -1.34 7.19
N ALA A 197 31.28 -1.08 7.76
CA ALA A 197 30.26 -0.23 7.12
C ALA A 197 30.71 1.23 7.08
N VAL A 198 30.33 1.94 6.00
CA VAL A 198 30.66 3.38 5.86
C VAL A 198 29.79 4.20 6.80
N ALA A 199 28.65 3.61 7.20
CA ALA A 199 27.67 4.25 8.02
C ALA A 199 26.87 3.16 8.75
N ALA A 200 26.59 3.38 10.03
CA ALA A 200 25.76 2.48 10.79
C ALA A 200 25.07 3.20 11.95
N GLU A 201 24.03 2.58 12.50
CA GLU A 201 23.29 3.09 13.66
C GLU A 201 22.93 1.92 14.58
N VAL A 202 23.08 2.15 15.89
CA VAL A 202 22.64 1.20 16.90
C VAL A 202 21.76 1.94 17.93
N TYR A 203 20.58 1.36 18.17
CA TYR A 203 19.62 1.89 19.12
C TYR A 203 19.42 0.86 20.23
N LEU A 204 19.78 1.24 21.46
CA LEU A 204 19.51 0.44 22.63
C LEU A 204 18.28 1.03 23.34
N ALA A 205 17.86 0.37 24.42
CA ALA A 205 16.65 0.77 25.15
C ALA A 205 16.73 2.23 25.62
N GLN A 206 17.91 2.70 26.06
CA GLN A 206 18.01 4.01 26.74
C GLN A 206 19.02 4.96 26.08
N CYS A 207 19.57 4.59 24.91
CA CYS A 207 20.52 5.45 24.19
C CYS A 207 20.64 4.98 22.74
N TYR A 208 21.28 5.81 21.91
CA TYR A 208 21.68 5.38 20.59
C TYR A 208 22.91 6.16 20.11
N ALA A 209 23.52 5.63 19.04
CA ALA A 209 24.72 6.17 18.45
C ALA A 209 24.74 5.79 16.97
N ARG A 210 25.19 6.74 16.14
CA ARG A 210 25.24 6.64 14.69
C ARG A 210 26.59 7.19 14.25
N TYR A 211 27.14 6.65 13.16
CA TYR A 211 28.24 7.32 12.46
C TYR A 211 28.01 7.16 10.94
N TRP A 212 28.62 8.06 10.17
CA TRP A 212 28.54 8.06 8.72
C TRP A 212 29.76 8.78 8.12
N GLY A 213 30.11 8.41 6.89
CA GLY A 213 31.10 9.13 6.09
C GLY A 213 30.46 10.32 5.39
N SER A 214 31.22 11.42 5.26
CA SER A 214 30.76 12.68 4.65
C SER A 214 30.85 12.62 3.12
N GLY A 215 32.06 12.79 2.57
CA GLY A 215 32.31 12.75 1.10
C GLY A 215 32.70 11.36 0.63
N TYR A 216 32.23 10.33 1.38
CA TYR A 216 32.53 8.90 1.17
C TYR A 216 31.38 8.25 0.37
N SER B 5 -11.97 10.86 15.76
CA SER B 5 -12.08 10.54 14.31
C SER B 5 -10.69 10.47 13.65
N HIS B 6 -9.64 10.32 14.48
CA HIS B 6 -8.27 10.28 14.00
C HIS B 6 -7.79 8.84 13.88
N ILE B 7 -8.57 7.86 14.36
CA ILE B 7 -8.08 6.48 14.42
C ILE B 7 -7.99 5.91 12.99
N PHE B 8 -7.11 4.92 12.84
CA PHE B 8 -6.69 4.35 11.58
C PHE B 8 -7.71 3.30 11.14
N ILE B 9 -8.11 3.36 9.87
CA ILE B 9 -8.99 2.36 9.29
C ILE B 9 -8.13 1.44 8.40
N TYR B 10 -7.51 2.01 7.37
CA TYR B 10 -6.62 1.27 6.49
C TYR B 10 -5.75 2.25 5.69
N GLY B 11 -4.66 1.73 5.14
CA GLY B 11 -3.84 2.45 4.18
C GLY B 11 -3.19 1.48 3.21
N GLY B 12 -2.60 2.04 2.16
CA GLY B 12 -1.99 1.24 1.10
C GLY B 12 -0.96 2.05 0.34
N CYS B 13 0.19 1.42 0.07
CA CYS B 13 1.32 2.03 -0.63
C CYS B 13 1.54 1.28 -1.95
N SER B 14 1.85 2.01 -3.03
CA SER B 14 2.22 1.38 -4.27
C SER B 14 3.52 0.61 -4.05
N PRO B 15 3.72 -0.55 -4.74
CA PRO B 15 5.01 -1.24 -4.67
C PRO B 15 6.17 -0.45 -5.31
N GLU B 16 5.86 0.44 -6.27
CA GLU B 16 6.88 1.24 -6.98
C GLU B 16 7.29 2.42 -6.10
N LYS B 17 8.61 2.58 -5.91
CA LYS B 17 9.16 3.59 -5.00
C LYS B 17 9.92 4.65 -5.81
N TYR B 18 9.85 5.91 -5.37
CA TYR B 18 10.59 7.00 -5.98
C TYR B 18 11.91 7.18 -5.22
N THR B 19 12.91 7.74 -5.91
CA THR B 19 14.19 8.04 -5.31
C THR B 19 14.14 9.46 -4.74
N PRO B 20 14.84 9.73 -3.61
CA PRO B 20 14.95 11.09 -3.07
C PRO B 20 15.56 12.17 -4.00
N ASN B 21 15.32 13.43 -3.63
CA ASN B 21 15.65 14.67 -4.37
C ASN B 21 15.37 14.54 -5.88
N THR B 22 14.12 14.22 -6.20
CA THR B 22 13.62 14.18 -7.57
C THR B 22 12.43 15.13 -7.72
N PRO B 23 12.09 15.57 -8.95
CA PRO B 23 10.86 16.31 -9.19
C PRO B 23 9.61 15.69 -8.57
N PHE B 24 9.48 14.36 -8.62
CA PHE B 24 8.30 13.71 -8.06
C PHE B 24 8.18 14.00 -6.56
N GLU B 25 9.31 13.91 -5.83
CA GLU B 25 9.31 14.17 -4.41
C GLU B 25 8.84 15.62 -4.16
N SER B 26 9.33 16.56 -4.97
CA SER B 26 8.95 17.98 -4.85
C SER B 26 7.44 18.17 -5.10
N ASN B 27 6.93 17.50 -6.14
CA ASN B 27 5.52 17.60 -6.53
C ASN B 27 4.64 16.99 -5.44
N ARG B 28 5.07 15.88 -4.85
CA ARG B 28 4.34 15.22 -3.80
C ARG B 28 4.19 16.18 -2.61
N ASP B 29 5.31 16.82 -2.22
CA ASP B 29 5.34 17.68 -1.04
C ASP B 29 4.44 18.91 -1.31
N THR B 30 4.44 19.42 -2.54
CA THR B 30 3.66 20.59 -2.91
C THR B 30 2.17 20.22 -2.86
N PHE B 31 1.88 18.97 -3.24
CA PHE B 31 0.54 18.45 -3.22
C PHE B 31 0.03 18.41 -1.77
N LEU B 32 0.82 17.85 -0.87
CA LEU B 32 0.44 17.66 0.53
C LEU B 32 0.23 19.02 1.21
N SER B 33 1.00 20.04 0.81
CA SER B 33 0.86 21.41 1.30
C SER B 33 -0.49 22.01 0.88
N SER B 34 -0.84 21.81 -0.40
CA SER B 34 -2.08 22.28 -0.99
C SER B 34 -3.26 21.64 -0.23
N VAL B 35 -3.17 20.32 -0.04
CA VAL B 35 -4.20 19.55 0.70
C VAL B 35 -4.48 20.24 2.03
N VAL B 36 -3.41 20.59 2.77
CA VAL B 36 -3.54 21.25 4.09
C VAL B 36 -4.18 22.64 3.94
N THR B 37 -3.73 23.41 2.95
CA THR B 37 -4.27 24.75 2.69
C THR B 37 -5.78 24.66 2.41
N SER B 38 -6.17 23.75 1.51
CA SER B 38 -7.54 23.61 1.00
C SER B 38 -8.49 23.15 2.12
N SER B 39 -7.99 22.28 3.01
CA SER B 39 -8.65 21.79 4.25
C SER B 39 -9.50 22.85 4.96
N SER B 40 -8.98 24.07 5.05
CA SER B 40 -9.57 25.13 5.87
C SER B 40 -11.05 25.32 5.53
N ASP B 41 -11.38 25.38 4.23
CA ASP B 41 -12.74 25.78 3.82
C ASP B 41 -13.29 24.89 2.69
N ALA B 42 -12.82 23.64 2.59
CA ALA B 42 -13.44 22.64 1.72
C ALA B 42 -13.20 21.23 2.28
N SER B 43 -14.26 20.42 2.32
CA SER B 43 -14.21 19.05 2.82
C SER B 43 -13.61 18.11 1.76
N PHE B 44 -13.65 18.53 0.49
CA PHE B 44 -13.14 17.76 -0.63
C PHE B 44 -12.40 18.68 -1.60
N ASN B 45 -11.31 18.17 -2.19
CA ASN B 45 -10.67 18.82 -3.33
C ASN B 45 -9.73 17.85 -4.05
N SER B 46 -9.45 18.16 -5.32
CA SER B 46 -8.61 17.35 -6.17
C SER B 46 -7.48 18.23 -6.74
N PHE B 47 -6.34 17.60 -7.05
CA PHE B 47 -5.12 18.31 -7.38
C PHE B 47 -4.34 17.53 -8.45
N ALA B 48 -3.73 18.28 -9.38
CA ALA B 48 -2.70 17.79 -10.27
C ALA B 48 -1.52 18.74 -10.13
N VAL B 49 -0.34 18.18 -9.88
CA VAL B 49 0.89 18.95 -9.80
C VAL B 49 1.90 18.34 -10.78
N GLY B 50 2.50 19.20 -11.59
CA GLY B 50 3.58 18.80 -12.46
C GLY B 50 3.07 18.34 -13.81
N ASN B 51 4.03 18.11 -14.69
CA ASN B 51 3.82 17.78 -16.08
C ASN B 51 3.63 16.26 -16.16
N ASP B 52 2.56 15.80 -16.82
CA ASP B 52 2.29 14.34 -16.92
C ASP B 52 3.27 13.71 -17.92
N SER B 53 4.46 13.40 -17.40
CA SER B 53 5.41 12.49 -18.00
C SER B 53 5.17 11.10 -17.42
N SER B 54 5.61 10.06 -18.14
CA SER B 54 5.36 8.65 -17.80
C SER B 54 5.39 8.42 -16.29
N SER B 55 4.49 7.56 -15.82
CA SER B 55 4.34 7.22 -14.40
C SER B 55 5.52 6.34 -13.94
N SER B 56 5.72 6.30 -12.61
CA SER B 56 6.80 5.55 -11.93
C SER B 56 8.19 6.02 -12.44
N SER B 57 8.36 7.34 -12.52
CA SER B 57 9.61 7.99 -12.93
C SER B 57 9.92 9.16 -11.98
N SER B 58 11.20 9.55 -11.91
CA SER B 58 11.66 10.59 -10.99
C SER B 58 10.99 11.95 -11.29
N SER B 59 10.39 12.10 -12.49
CA SER B 59 9.89 13.39 -13.02
C SER B 59 8.34 13.40 -13.15
N SER B 60 7.67 12.34 -12.68
CA SER B 60 6.24 12.15 -12.87
C SER B 60 5.45 13.29 -12.21
N ALA B 61 4.24 13.51 -12.72
CA ALA B 61 3.24 14.35 -12.08
C ALA B 61 2.66 13.61 -10.86
N VAL B 62 2.02 14.38 -9.99
CA VAL B 62 1.22 13.89 -8.87
C VAL B 62 -0.23 14.29 -9.13
N PHE B 63 -1.13 13.31 -8.94
CA PHE B 63 -2.58 13.49 -8.92
C PHE B 63 -3.08 12.99 -7.56
N GLY B 64 -4.03 13.71 -6.97
CA GLY B 64 -4.45 13.40 -5.61
C GLY B 64 -5.71 14.14 -5.21
N LEU B 65 -6.33 13.63 -4.14
CA LEU B 65 -7.51 14.23 -3.54
C LEU B 65 -7.53 13.93 -2.04
N TYR B 66 -8.37 14.68 -1.32
CA TYR B 66 -8.78 14.31 0.02
C TYR B 66 -10.31 14.40 0.09
N GLN B 67 -10.90 13.67 1.04
CA GLN B 67 -12.31 13.72 1.34
C GLN B 67 -12.49 13.55 2.85
N CYS B 68 -12.92 14.64 3.50
CA CYS B 68 -13.34 14.60 4.90
C CYS B 68 -14.77 14.05 4.98
N ARG B 69 -15.12 13.51 6.15
CA ARG B 69 -16.52 13.22 6.45
C ARG B 69 -17.32 14.52 6.31
N ASP B 70 -18.41 14.47 5.54
CA ASP B 70 -19.18 15.65 5.14
C ASP B 70 -20.03 16.17 6.32
N ASP B 71 -20.21 15.34 7.35
CA ASP B 71 -21.09 15.67 8.50
C ASP B 71 -20.28 16.25 9.67
N LEU B 72 -19.04 16.71 9.42
CA LEU B 72 -18.21 17.34 10.45
C LEU B 72 -17.83 18.76 10.03
N ARG B 73 -17.46 19.58 11.01
CA ARG B 73 -17.06 20.98 10.80
C ARG B 73 -15.66 21.03 10.19
N SER B 74 -15.27 22.22 9.70
CA SER B 74 -14.00 22.44 9.01
C SER B 74 -12.81 22.34 10.00
N SER B 75 -13.05 22.67 11.27
CA SER B 75 -12.05 22.52 12.33
C SER B 75 -11.54 21.09 12.36
N ASP B 76 -12.49 20.15 12.40
CA ASP B 76 -12.22 18.73 12.56
C ASP B 76 -11.62 18.18 11.26
N CYS B 77 -12.14 18.66 10.12
CA CYS B 77 -11.63 18.27 8.81
C CYS B 77 -10.16 18.70 8.67
N SER B 78 -9.85 19.93 9.11
CA SER B 78 -8.48 20.48 9.07
C SER B 78 -7.51 19.64 9.92
N LYS B 79 -7.96 19.23 11.12
CA LYS B 79 -7.12 18.47 12.05
C LYS B 79 -6.87 17.07 11.49
N CYS B 80 -7.93 16.40 11.04
CA CYS B 80 -7.82 15.06 10.50
C CYS B 80 -6.86 15.04 9.29
N ILE B 81 -6.93 16.07 8.43
CA ILE B 81 -6.10 16.15 7.22
C ILE B 81 -4.63 16.44 7.61
N GLN B 82 -4.40 17.30 8.61
CA GLN B 82 -3.05 17.55 9.11
C GLN B 82 -2.46 16.24 9.65
N THR B 83 -3.28 15.45 10.37
CA THR B 83 -2.85 14.16 10.90
C THR B 83 -2.51 13.20 9.76
N SER B 84 -3.38 13.18 8.76
CA SER B 84 -3.33 12.25 7.64
C SER B 84 -2.05 12.48 6.81
N VAL B 85 -1.75 13.75 6.53
CA VAL B 85 -0.59 14.19 5.76
C VAL B 85 0.70 13.78 6.50
N ASP B 86 0.72 14.01 7.81
CA ASP B 86 1.80 13.55 8.69
C ASP B 86 1.97 12.02 8.59
N GLN B 87 0.88 11.25 8.70
CA GLN B 87 0.95 9.79 8.84
C GLN B 87 1.17 9.09 7.49
N ILE B 88 0.58 9.62 6.42
CA ILE B 88 0.70 9.02 5.07
C ILE B 88 2.19 8.82 4.72
N THR B 89 3.02 9.81 5.06
CA THR B 89 4.47 9.80 4.77
C THR B 89 5.19 8.67 5.54
N LEU B 90 4.77 8.41 6.78
CA LEU B 90 5.44 7.45 7.68
C LEU B 90 5.22 6.02 7.20
N ILE B 91 3.98 5.70 6.84
CA ILE B 91 3.54 4.35 6.56
C ILE B 91 3.85 3.97 5.10
N CYS B 92 4.00 4.97 4.22
CA CYS B 92 4.33 4.73 2.80
C CYS B 92 5.57 5.52 2.41
N PRO B 93 6.76 5.16 2.94
CA PRO B 93 7.94 6.03 2.87
C PRO B 93 8.24 6.63 1.50
N TYR B 94 8.38 5.80 0.46
CA TYR B 94 8.87 6.32 -0.80
C TYR B 94 8.01 5.84 -1.97
N SER B 95 6.71 5.75 -1.74
CA SER B 95 5.78 5.22 -2.72
C SER B 95 5.34 6.33 -3.69
N TYR B 96 5.23 5.96 -4.97
CA TYR B 96 4.65 6.81 -6.02
C TYR B 96 3.16 7.04 -5.77
N GLY B 97 2.49 6.04 -5.20
CA GLY B 97 1.08 6.11 -4.86
C GLY B 97 0.83 5.68 -3.43
N ALA B 98 -0.21 6.24 -2.82
CA ALA B 98 -0.54 5.94 -1.44
C ALA B 98 -1.97 6.41 -1.12
N SER B 99 -2.62 5.62 -0.25
CA SER B 99 -3.95 5.87 0.29
C SER B 99 -3.89 5.77 1.83
N LEU B 100 -4.67 6.62 2.50
CA LEU B 100 -4.84 6.54 3.94
C LEU B 100 -6.28 6.92 4.29
N GLN B 101 -6.96 5.98 4.94
CA GLN B 101 -8.32 6.16 5.43
C GLN B 101 -8.28 6.21 6.96
N LEU B 102 -8.61 7.39 7.50
CA LEU B 102 -8.91 7.60 8.91
C LEU B 102 -10.43 7.71 9.05
N GLU B 103 -10.94 7.57 10.28
CA GLU B 103 -12.37 7.69 10.54
C GLU B 103 -12.92 9.00 9.96
N GLY B 104 -12.15 10.08 10.08
CA GLY B 104 -12.60 11.42 9.71
C GLY B 104 -12.26 11.83 8.27
N CYS B 105 -11.29 11.16 7.64
CA CYS B 105 -10.79 11.68 6.36
C CYS B 105 -10.03 10.62 5.56
N PHE B 106 -10.06 10.82 4.24
CA PHE B 106 -9.39 10.00 3.28
C PHE B 106 -8.45 10.91 2.48
N LEU B 107 -7.25 10.39 2.19
CA LEU B 107 -6.21 11.08 1.45
C LEU B 107 -5.56 10.08 0.50
N ARG B 108 -5.38 10.50 -0.76
CA ARG B 108 -4.88 9.64 -1.80
C ARG B 108 -4.09 10.46 -2.81
N TYR B 109 -2.97 9.91 -3.29
CA TYR B 109 -2.23 10.48 -4.41
C TYR B 109 -1.62 9.36 -5.26
N GLU B 110 -1.36 9.66 -6.53
CA GLU B 110 -0.72 8.72 -7.47
C GLU B 110 -0.04 9.51 -8.61
N THR B 111 0.78 8.81 -9.41
CA THR B 111 1.32 9.39 -10.66
C THR B 111 0.38 9.14 -11.85
N ASN B 112 -0.59 8.23 -11.67
CA ASN B 112 -1.61 7.95 -12.67
C ASN B 112 -2.81 8.84 -12.39
N ASP B 113 -3.38 9.43 -13.44
CA ASP B 113 -4.53 10.30 -13.29
C ASP B 113 -5.78 9.43 -13.12
N PHE B 114 -6.29 9.37 -11.90
CA PHE B 114 -7.41 8.54 -11.55
C PHE B 114 -8.63 9.41 -11.24
N LEU B 115 -8.47 10.74 -11.36
CA LEU B 115 -9.48 11.69 -10.91
C LEU B 115 -10.72 11.61 -11.80
N GLY B 116 -11.89 11.51 -11.16
CA GLY B 116 -13.18 11.54 -11.85
C GLY B 116 -13.58 10.20 -12.45
N LYS B 117 -12.69 9.21 -12.39
CA LYS B 117 -12.87 7.94 -13.09
C LYS B 117 -13.51 6.94 -12.13
N PRO B 118 -14.59 6.22 -12.56
CA PRO B 118 -15.20 5.20 -11.70
C PRO B 118 -14.18 4.08 -11.41
N ASP B 119 -14.17 3.62 -10.16
CA ASP B 119 -13.33 2.54 -9.66
C ASP B 119 -14.05 1.91 -8.45
N THR B 120 -14.50 0.66 -8.59
CA THR B 120 -15.30 0.00 -7.57
C THR B 120 -14.49 -1.15 -6.92
N SER B 121 -13.18 -1.17 -7.15
CA SER B 121 -12.27 -2.13 -6.52
C SER B 121 -12.39 -2.08 -5.00
N LEU B 122 -12.40 -3.25 -4.36
CA LEU B 122 -12.44 -3.39 -2.90
C LEU B 122 -11.07 -3.01 -2.34
N ARG B 123 -11.04 -2.03 -1.42
CA ARG B 123 -9.80 -1.55 -0.80
C ARG B 123 -9.64 -2.19 0.58
N TYR B 124 -10.74 -2.30 1.32
CA TYR B 124 -10.73 -2.82 2.68
C TYR B 124 -12.16 -3.20 3.10
N LYS B 125 -12.27 -4.28 3.89
CA LYS B 125 -13.54 -4.71 4.45
C LYS B 125 -13.26 -5.28 5.85
N LYS B 126 -14.20 -5.05 6.76
CA LYS B 126 -14.17 -5.58 8.11
C LYS B 126 -15.59 -6.06 8.45
N CYS B 127 -15.78 -7.35 8.72
CA CYS B 127 -17.05 -7.87 9.29
C CYS B 127 -16.88 -8.06 10.80
N SER B 128 -17.93 -7.73 11.55
CA SER B 128 -18.00 -8.02 12.96
C SER B 128 -17.78 -9.52 13.19
N SER B 129 -17.12 -9.82 14.32
CA SER B 129 -16.95 -11.18 14.80
C SER B 129 -18.32 -11.81 15.11
N LYS B 130 -19.23 -11.00 15.68
CA LYS B 130 -20.60 -11.44 16.01
C LYS B 130 -21.45 -11.61 14.74
N SER B 131 -22.01 -12.81 14.58
CA SER B 131 -23.09 -13.12 13.63
C SER B 131 -24.43 -12.94 14.35
N VAL B 132 -25.42 -12.36 13.65
CA VAL B 132 -26.82 -12.43 14.08
C VAL B 132 -27.40 -13.72 13.51
N GLU B 133 -28.12 -14.48 14.35
CA GLU B 133 -28.82 -15.66 13.90
C GLU B 133 -30.26 -15.63 14.44
N ASN B 134 -31.16 -16.26 13.68
CA ASN B 134 -32.60 -16.39 13.97
C ASN B 134 -33.21 -15.02 14.29
N ASP B 135 -32.94 -14.05 13.42
CA ASP B 135 -33.47 -12.69 13.53
C ASP B 135 -33.67 -12.12 12.12
N TYR B 136 -34.77 -12.55 11.49
CA TYR B 136 -35.16 -12.11 10.17
C TYR B 136 -35.36 -10.59 10.15
N ASP B 137 -35.96 -10.06 11.21
CA ASP B 137 -36.27 -8.64 11.34
C ASP B 137 -35.00 -7.78 11.19
N PHE B 138 -33.91 -8.20 11.85
CA PHE B 138 -32.62 -7.51 11.78
C PHE B 138 -32.18 -7.40 10.31
N PHE B 139 -32.32 -8.51 9.57
CA PHE B 139 -31.83 -8.60 8.20
C PHE B 139 -32.74 -7.79 7.27
N LYS B 140 -34.05 -7.79 7.52
CA LYS B 140 -34.98 -6.98 6.73
C LYS B 140 -34.65 -5.48 6.90
N ARG B 141 -34.39 -5.06 8.14
CA ARG B 141 -34.07 -3.68 8.45
C ARG B 141 -32.70 -3.29 7.88
N ARG B 142 -31.74 -4.22 7.90
CA ARG B 142 -30.45 -4.01 7.24
C ARG B 142 -30.69 -3.71 5.75
N ASP B 143 -31.49 -4.53 5.06
CA ASP B 143 -31.79 -4.34 3.63
C ASP B 143 -32.39 -2.94 3.40
N ASP B 144 -33.31 -2.51 4.28
CA ASP B 144 -33.95 -1.21 4.16
C ASP B 144 -32.91 -0.09 4.27
N VAL B 145 -31.96 -0.25 5.21
CA VAL B 145 -30.91 0.75 5.47
C VAL B 145 -29.93 0.81 4.28
N LEU B 146 -29.48 -0.36 3.84
CA LEU B 146 -28.51 -0.46 2.76
C LEU B 146 -29.14 0.04 1.46
N SER B 147 -30.44 -0.23 1.28
CA SER B 147 -31.19 0.24 0.10
C SER B 147 -31.24 1.77 0.06
N ASP B 148 -31.47 2.39 1.22
CA ASP B 148 -31.51 3.84 1.35
C ASP B 148 -30.10 4.43 1.12
N LEU B 149 -29.04 3.76 1.61
CA LEU B 149 -27.65 4.23 1.43
C LEU B 149 -27.33 4.30 -0.08
N GLU B 150 -27.76 3.25 -0.80
CA GLU B 150 -27.60 3.10 -2.25
C GLU B 150 -28.22 4.27 -3.03
N SER B 151 -29.21 4.95 -2.43
CA SER B 151 -29.94 6.03 -3.09
C SER B 151 -29.03 7.26 -3.33
N THR B 152 -28.03 7.45 -2.46
CA THR B 152 -27.16 8.64 -2.40
C THR B 152 -26.53 8.96 -3.76
N GLN B 153 -26.55 10.24 -4.14
CA GLN B 153 -25.97 10.73 -5.40
C GLN B 153 -24.77 11.66 -5.12
N LEU B 154 -24.82 12.44 -4.04
CA LEU B 154 -23.77 13.35 -3.60
C LEU B 154 -23.56 13.18 -2.10
N GLY B 155 -22.30 13.26 -1.67
CA GLY B 155 -21.94 13.44 -0.27
C GLY B 155 -22.17 12.19 0.56
N TYR B 156 -22.99 12.32 1.60
CA TYR B 156 -23.16 11.26 2.60
C TYR B 156 -24.64 11.01 2.83
N LYS B 157 -24.94 9.81 3.32
CA LYS B 157 -26.27 9.49 3.88
C LYS B 157 -26.06 8.83 5.24
N VAL B 158 -26.88 9.24 6.20
CA VAL B 158 -27.12 8.54 7.45
C VAL B 158 -28.48 7.85 7.31
N SER B 159 -28.53 6.56 7.66
CA SER B 159 -29.77 5.83 7.55
C SER B 159 -30.07 5.05 8.84
N ARG B 160 -31.35 4.77 9.08
CA ARG B 160 -31.81 4.21 10.36
C ARG B 160 -33.09 3.40 10.10
N SER B 161 -33.16 2.20 10.65
CA SER B 161 -34.41 1.47 10.70
C SER B 161 -34.35 0.53 11.90
N GLY B 162 -35.28 0.76 12.85
CA GLY B 162 -35.22 0.14 14.15
C GLY B 162 -33.85 0.34 14.77
N LEU B 163 -33.20 -0.77 15.12
CA LEU B 163 -31.87 -0.72 15.75
C LEU B 163 -30.74 -0.83 14.70
N VAL B 164 -31.05 -0.93 13.41
CA VAL B 164 -29.98 -0.97 12.41
C VAL B 164 -29.67 0.46 11.95
N GLU B 165 -28.38 0.79 11.95
CA GLU B 165 -27.89 2.11 11.57
C GLU B 165 -26.85 1.95 10.45
N GLY B 166 -26.75 2.96 9.56
CA GLY B 166 -25.83 2.91 8.42
C GLY B 166 -25.28 4.28 8.04
N TYR B 167 -24.14 4.28 7.36
CA TYR B 167 -23.49 5.49 6.87
C TYR B 167 -22.84 5.18 5.52
N ALA B 168 -23.02 6.08 4.56
CA ALA B 168 -22.33 5.95 3.27
C ALA B 168 -21.82 7.33 2.81
N GLN B 169 -20.71 7.29 2.07
CA GLN B 169 -19.98 8.47 1.63
C GLN B 169 -19.42 8.17 0.24
N CYS B 170 -19.68 9.04 -0.73
CA CYS B 170 -19.01 9.01 -2.04
C CYS B 170 -17.90 10.06 -2.08
N VAL B 171 -16.74 9.68 -2.61
CA VAL B 171 -15.65 10.63 -2.80
C VAL B 171 -16.11 11.63 -3.87
N GLY B 172 -15.80 12.90 -3.64
CA GLY B 172 -16.42 14.03 -4.31
C GLY B 172 -15.94 14.24 -5.73
N ASP B 173 -15.05 13.37 -6.24
CA ASP B 173 -14.65 13.41 -7.65
C ASP B 173 -15.61 12.59 -8.52
N LEU B 174 -16.62 11.93 -7.92
CA LEU B 174 -17.60 11.14 -8.71
C LEU B 174 -18.79 12.01 -9.15
N SER B 175 -19.18 11.84 -10.42
CA SER B 175 -20.50 12.24 -10.89
C SER B 175 -21.57 11.53 -10.08
N PRO B 176 -22.79 12.09 -9.96
CA PRO B 176 -23.89 11.41 -9.26
C PRO B 176 -24.16 9.98 -9.72
N SER B 177 -24.11 9.73 -11.04
CA SER B 177 -24.33 8.40 -11.63
CA SER B 177 -24.38 8.39 -11.58
C SER B 177 -23.35 7.40 -11.02
N ASP B 178 -22.07 7.76 -11.12
CA ASP B 178 -20.97 6.92 -10.66
C ASP B 178 -21.02 6.74 -9.14
N CYS B 179 -21.50 7.74 -8.40
CA CYS B 179 -21.66 7.61 -6.94
C CYS B 179 -22.68 6.50 -6.64
N THR B 180 -23.87 6.59 -7.25
CA THR B 180 -24.91 5.57 -7.13
C THR B 180 -24.34 4.19 -7.46
N ALA B 181 -23.56 4.09 -8.55
CA ALA B 181 -23.01 2.81 -9.01
C ALA B 181 -21.98 2.26 -8.00
N CYS B 182 -21.16 3.15 -7.45
CA CYS B 182 -20.10 2.74 -6.54
C CYS B 182 -20.74 2.18 -5.26
N LEU B 183 -21.71 2.93 -4.70
CA LEU B 183 -22.40 2.54 -3.46
C LEU B 183 -23.19 1.24 -3.68
N ALA B 184 -23.79 1.10 -4.87
CA ALA B 184 -24.48 -0.13 -5.27
C ALA B 184 -23.54 -1.34 -5.10
N GLU B 185 -22.31 -1.22 -5.62
CA GLU B 185 -21.30 -2.27 -5.52
C GLU B 185 -20.88 -2.46 -4.05
N SER B 186 -20.75 -1.35 -3.30
CA SER B 186 -20.41 -1.36 -1.86
C SER B 186 -21.39 -2.25 -1.08
N VAL B 187 -22.68 -1.98 -1.28
CA VAL B 187 -23.75 -2.68 -0.60
C VAL B 187 -23.72 -4.16 -1.01
N GLY B 188 -23.52 -4.40 -2.32
CA GLY B 188 -23.36 -5.74 -2.85
C GLY B 188 -22.33 -6.53 -2.06
N LYS B 189 -21.19 -5.87 -1.78
CA LYS B 189 -20.06 -6.50 -1.12
C LYS B 189 -20.36 -6.74 0.36
N LEU B 190 -20.97 -5.75 1.01
CA LEU B 190 -21.43 -5.87 2.41
C LEU B 190 -22.29 -7.14 2.54
N LYS B 191 -23.25 -7.33 1.62
CA LYS B 191 -24.16 -8.49 1.65
C LYS B 191 -23.38 -9.79 1.43
N ASN B 192 -22.48 -9.79 0.45
CA ASN B 192 -21.86 -11.04 0.00
C ASN B 192 -20.70 -11.44 0.92
N LEU B 193 -19.95 -10.47 1.46
CA LEU B 193 -18.75 -10.80 2.27
C LEU B 193 -19.07 -10.89 3.78
N CYS B 194 -20.14 -10.24 4.23
CA CYS B 194 -20.48 -10.11 5.67
C CYS B 194 -21.96 -10.44 5.88
N GLY B 195 -22.37 -11.62 5.40
CA GLY B 195 -23.77 -12.02 5.32
C GLY B 195 -24.53 -11.84 6.62
N SER B 196 -23.98 -12.35 7.73
CA SER B 196 -24.71 -12.49 9.01
C SER B 196 -24.18 -11.53 10.09
N ALA B 197 -23.23 -10.66 9.72
CA ALA B 197 -22.54 -9.75 10.65
C ALA B 197 -23.52 -8.74 11.25
N VAL B 198 -23.36 -8.44 12.54
CA VAL B 198 -24.14 -7.42 13.23
C VAL B 198 -23.66 -6.03 12.78
N ALA B 199 -22.42 -5.97 12.28
CA ALA B 199 -21.79 -4.72 11.84
C ALA B 199 -20.70 -5.06 10.82
N ALA B 200 -20.63 -4.25 9.76
CA ALA B 200 -19.63 -4.43 8.72
C ALA B 200 -19.35 -3.09 8.03
N GLU B 201 -18.18 -3.01 7.37
CA GLU B 201 -17.74 -1.88 6.55
C GLU B 201 -17.10 -2.40 5.27
N VAL B 202 -17.35 -1.70 4.16
CA VAL B 202 -16.65 -1.91 2.91
C VAL B 202 -16.20 -0.54 2.39
N TYR B 203 -14.91 -0.46 2.06
CA TYR B 203 -14.32 0.69 1.45
C TYR B 203 -13.87 0.32 0.03
N LEU B 204 -14.50 0.95 -0.97
CA LEU B 204 -14.08 0.87 -2.38
C LEU B 204 -13.19 2.07 -2.69
N ALA B 205 -12.62 2.11 -3.89
CA ALA B 205 -11.68 3.15 -4.27
C ALA B 205 -12.31 4.55 -4.15
N GLN B 206 -13.60 4.70 -4.47
CA GLN B 206 -14.23 6.03 -4.59
C GLN B 206 -15.46 6.20 -3.68
N CYS B 207 -15.74 5.23 -2.81
CA CYS B 207 -16.87 5.33 -1.87
C CYS B 207 -16.69 4.33 -0.73
N TYR B 208 -17.54 4.46 0.31
CA TYR B 208 -17.63 3.46 1.36
C TYR B 208 -19.04 3.45 1.98
N ALA B 209 -19.37 2.30 2.57
CA ALA B 209 -20.63 2.09 3.25
C ALA B 209 -20.39 1.20 4.48
N ARG B 210 -21.14 1.51 5.55
CA ARG B 210 -21.03 0.88 6.86
C ARG B 210 -22.44 0.66 7.41
N TYR B 211 -22.61 -0.37 8.24
CA TYR B 211 -23.83 -0.53 9.01
C TYR B 211 -23.47 -1.21 10.32
N TRP B 212 -24.30 -0.96 11.35
CA TRP B 212 -24.10 -1.52 12.65
C TRP B 212 -25.44 -1.56 13.42
N GLY B 213 -25.61 -2.61 14.23
CA GLY B 213 -26.71 -2.71 15.18
C GLY B 213 -26.49 -1.80 16.38
N SER B 214 -27.52 -1.05 16.77
CA SER B 214 -27.53 -0.23 17.99
C SER B 214 -27.35 -1.14 19.21
N GLY B 215 -28.41 -1.90 19.56
CA GLY B 215 -28.40 -2.79 20.73
C GLY B 215 -27.75 -4.14 20.43
N SER C 5 3.35 -25.89 -28.73
CA SER C 5 3.11 -24.55 -28.09
C SER C 5 1.92 -24.61 -27.10
N HIS C 6 2.10 -25.39 -26.01
CA HIS C 6 1.11 -25.50 -24.92
C HIS C 6 1.76 -25.38 -23.53
N ILE C 7 2.93 -24.71 -23.44
CA ILE C 7 3.62 -24.57 -22.15
C ILE C 7 2.99 -23.42 -21.37
N PHE C 8 2.99 -23.57 -20.04
CA PHE C 8 2.35 -22.69 -19.08
C PHE C 8 3.09 -21.35 -19.02
N ILE C 9 2.35 -20.25 -19.04
CA ILE C 9 2.93 -18.92 -18.84
C ILE C 9 2.47 -18.38 -17.48
N TYR C 10 1.15 -18.25 -17.28
CA TYR C 10 0.62 -17.72 -16.02
C TYR C 10 -0.85 -18.13 -15.87
N GLY C 11 -1.28 -18.26 -14.61
CA GLY C 11 -2.66 -18.50 -14.22
C GLY C 11 -3.03 -17.71 -12.98
N GLY C 12 -4.32 -17.47 -12.78
CA GLY C 12 -4.81 -16.69 -11.66
C GLY C 12 -6.26 -16.98 -11.37
N CYS C 13 -6.60 -17.07 -10.08
CA CYS C 13 -7.94 -17.42 -9.61
C CYS C 13 -8.52 -16.27 -8.80
N SER C 14 -9.85 -16.14 -8.82
CA SER C 14 -10.55 -15.21 -7.95
C SER C 14 -10.41 -15.69 -6.51
N PRO C 15 -10.24 -14.77 -5.52
CA PRO C 15 -10.33 -15.14 -4.10
C PRO C 15 -11.63 -15.89 -3.76
N GLU C 16 -12.76 -15.43 -4.31
CA GLU C 16 -14.10 -15.97 -4.04
C GLU C 16 -14.21 -17.38 -4.63
N LYS C 17 -14.77 -18.31 -3.85
CA LYS C 17 -14.90 -19.71 -4.23
C LYS C 17 -16.38 -20.12 -4.20
N TYR C 18 -16.78 -20.94 -5.16
CA TYR C 18 -18.12 -21.52 -5.23
C TYR C 18 -18.08 -22.86 -4.48
N THR C 19 -19.26 -23.41 -4.17
CA THR C 19 -19.40 -24.73 -3.56
C THR C 19 -19.85 -25.74 -4.61
N PRO C 20 -19.41 -27.02 -4.52
CA PRO C 20 -19.80 -28.03 -5.50
C PRO C 20 -21.32 -28.30 -5.46
N ASN C 21 -21.86 -28.77 -6.59
CA ASN C 21 -23.24 -29.19 -6.71
C ASN C 21 -24.18 -27.98 -6.59
N THR C 22 -23.77 -26.86 -7.20
CA THR C 22 -24.56 -25.64 -7.36
C THR C 22 -24.82 -25.42 -8.84
N PRO C 23 -25.76 -24.53 -9.24
CA PRO C 23 -25.92 -24.15 -10.64
C PRO C 23 -24.69 -23.47 -11.27
N PHE C 24 -23.86 -22.76 -10.47
CA PHE C 24 -22.66 -22.12 -11.03
C PHE C 24 -21.69 -23.20 -11.54
N GLU C 25 -21.43 -24.21 -10.72
CA GLU C 25 -20.57 -25.32 -11.13
C GLU C 25 -21.06 -25.90 -12.47
N SER C 26 -22.38 -26.08 -12.62
CA SER C 26 -23.00 -26.61 -13.86
C SER C 26 -22.79 -25.67 -15.04
N ASN C 27 -22.97 -24.36 -14.81
CA ASN C 27 -22.84 -23.35 -15.86
C ASN C 27 -21.37 -23.24 -16.30
N ARG C 28 -20.44 -23.34 -15.34
CA ARG C 28 -19.01 -23.36 -15.62
C ARG C 28 -18.69 -24.55 -16.53
N ASP C 29 -19.15 -25.74 -16.15
CA ASP C 29 -18.83 -26.96 -16.90
C ASP C 29 -19.44 -26.90 -18.32
N THR C 30 -20.63 -26.28 -18.46
CA THR C 30 -21.29 -26.05 -19.77
C THR C 30 -20.48 -25.08 -20.62
N PHE C 31 -19.98 -24.01 -19.97
CA PHE C 31 -19.11 -23.04 -20.60
C PHE C 31 -17.87 -23.73 -21.19
N LEU C 32 -17.18 -24.55 -20.38
CA LEU C 32 -15.92 -25.21 -20.77
C LEU C 32 -16.13 -26.20 -21.93
N SER C 33 -17.26 -26.92 -21.96
CA SER C 33 -17.54 -27.84 -23.08
C SER C 33 -17.85 -27.04 -24.37
N SER C 34 -18.46 -25.86 -24.23
CA SER C 34 -18.76 -24.98 -25.38
C SER C 34 -17.47 -24.44 -26.01
N VAL C 35 -16.50 -24.12 -25.15
CA VAL C 35 -15.20 -23.59 -25.55
C VAL C 35 -14.52 -24.62 -26.45
N VAL C 36 -14.51 -25.89 -26.01
CA VAL C 36 -13.88 -26.99 -26.74
C VAL C 36 -14.56 -27.18 -28.10
N THR C 37 -15.90 -27.20 -28.11
CA THR C 37 -16.72 -27.30 -29.33
C THR C 37 -16.29 -26.20 -30.32
N SER C 38 -16.41 -24.94 -29.87
CA SER C 38 -16.14 -23.73 -30.65
C SER C 38 -14.72 -23.69 -31.21
N SER C 39 -13.74 -24.21 -30.43
CA SER C 39 -12.30 -24.09 -30.74
C SER C 39 -11.93 -24.79 -32.05
N SER C 40 -12.75 -25.72 -32.53
CA SER C 40 -12.44 -26.50 -33.74
C SER C 40 -12.63 -25.67 -35.02
N ASP C 41 -13.30 -24.52 -34.95
CA ASP C 41 -13.50 -23.69 -36.16
C ASP C 41 -13.55 -22.17 -35.86
N ALA C 42 -13.09 -21.74 -34.69
CA ALA C 42 -12.91 -20.32 -34.42
C ALA C 42 -11.71 -20.14 -33.48
N SER C 43 -10.83 -19.20 -33.83
CA SER C 43 -9.66 -18.83 -33.03
C SER C 43 -10.06 -18.07 -31.75
N PHE C 44 -11.26 -17.46 -31.77
CA PHE C 44 -11.80 -16.67 -30.66
C PHE C 44 -13.32 -16.88 -30.54
N ASN C 45 -13.83 -16.89 -29.32
CA ASN C 45 -15.26 -16.78 -29.08
C ASN C 45 -15.52 -16.31 -27.65
N SER C 46 -16.71 -15.71 -27.43
CA SER C 46 -17.16 -15.32 -26.12
C SER C 46 -18.52 -15.99 -25.82
N PHE C 47 -18.80 -16.15 -24.52
CA PHE C 47 -19.93 -16.95 -24.04
C PHE C 47 -20.53 -16.33 -22.76
N ALA C 48 -21.84 -16.51 -22.61
CA ALA C 48 -22.55 -16.29 -21.37
C ALA C 48 -23.53 -17.45 -21.15
N VAL C 49 -23.57 -17.95 -19.92
CA VAL C 49 -24.50 -18.99 -19.47
C VAL C 49 -25.13 -18.53 -18.15
N GLY C 50 -26.47 -18.52 -18.07
CA GLY C 50 -27.22 -18.21 -16.86
C GLY C 50 -27.57 -16.73 -16.73
N ASN C 51 -28.13 -16.38 -15.56
CA ASN C 51 -28.87 -15.10 -15.35
C ASN C 51 -28.01 -14.09 -14.58
N ASP C 52 -28.12 -14.08 -13.24
CA ASP C 52 -27.48 -13.06 -12.40
C ASP C 52 -27.32 -13.59 -10.97
N SER C 53 -26.07 -13.56 -10.47
CA SER C 53 -25.76 -13.81 -9.06
C SER C 53 -26.22 -15.21 -8.68
N SER C 59 -25.41 -20.38 -8.08
CA SER C 59 -26.58 -20.05 -8.93
C SER C 59 -26.22 -19.12 -10.10
N SER C 60 -25.03 -18.53 -10.04
CA SER C 60 -24.71 -17.40 -10.83
C SER C 60 -24.39 -17.81 -12.29
N ALA C 61 -24.40 -16.75 -13.12
CA ALA C 61 -24.03 -16.81 -14.50
C ALA C 61 -22.50 -16.95 -14.63
N VAL C 62 -22.08 -17.50 -15.77
CA VAL C 62 -20.71 -17.57 -16.19
C VAL C 62 -20.56 -16.73 -17.47
N PHE C 63 -19.51 -15.90 -17.48
CA PHE C 63 -19.10 -15.11 -18.61
C PHE C 63 -17.65 -15.49 -18.91
N GLY C 64 -17.33 -15.75 -20.19
CA GLY C 64 -15.98 -16.14 -20.51
C GLY C 64 -15.66 -16.06 -21.99
N LEU C 65 -14.38 -16.25 -22.29
CA LEU C 65 -13.89 -16.28 -23.64
C LEU C 65 -12.62 -17.14 -23.72
N TYR C 66 -12.22 -17.43 -24.97
CA TYR C 66 -10.94 -18.03 -25.27
C TYR C 66 -10.36 -17.29 -26.48
N GLN C 67 -9.04 -17.37 -26.65
CA GLN C 67 -8.31 -16.71 -27.74
C GLN C 67 -7.04 -17.52 -28.02
N CYS C 68 -7.00 -18.20 -29.16
CA CYS C 68 -5.77 -18.84 -29.66
C CYS C 68 -4.95 -17.83 -30.46
N ARG C 69 -3.67 -18.13 -30.67
CA ARG C 69 -2.83 -17.33 -31.58
C ARG C 69 -3.38 -17.49 -33.01
N ASP C 70 -3.66 -16.36 -33.67
CA ASP C 70 -4.37 -16.33 -34.97
C ASP C 70 -3.44 -16.75 -36.12
N ASP C 71 -2.19 -17.08 -35.80
CA ASP C 71 -1.19 -17.52 -36.78
C ASP C 71 -0.92 -19.03 -36.63
N LEU C 72 -1.87 -19.76 -36.01
CA LEU C 72 -1.87 -21.24 -35.93
C LEU C 72 -3.14 -21.77 -36.61
N ARG C 73 -3.07 -23.01 -37.13
CA ARG C 73 -4.21 -23.66 -37.78
C ARG C 73 -5.18 -24.16 -36.70
N SER C 74 -6.42 -24.45 -37.12
CA SER C 74 -7.51 -24.91 -36.27
C SER C 74 -7.03 -26.04 -35.34
N SER C 75 -6.24 -26.95 -35.90
CA SER C 75 -5.71 -28.15 -35.24
C SER C 75 -5.10 -27.80 -33.89
N ASP C 76 -4.13 -26.88 -33.93
CA ASP C 76 -3.30 -26.52 -32.78
C ASP C 76 -4.14 -25.76 -31.74
N CYS C 77 -5.17 -25.02 -32.20
CA CYS C 77 -6.09 -24.28 -31.32
C CYS C 77 -6.92 -25.29 -30.49
N SER C 78 -7.51 -26.29 -31.16
CA SER C 78 -8.28 -27.39 -30.50
C SER C 78 -7.47 -28.04 -29.37
N LYS C 79 -6.25 -28.50 -29.69
CA LYS C 79 -5.36 -29.17 -28.73
C LYS C 79 -4.99 -28.24 -27.57
N CYS C 80 -4.59 -27.00 -27.91
CA CYS C 80 -4.21 -26.00 -26.90
C CYS C 80 -5.40 -25.79 -25.95
N ILE C 81 -6.61 -25.65 -26.50
CA ILE C 81 -7.79 -25.31 -25.73
C ILE C 81 -8.18 -26.50 -24.83
N GLN C 82 -8.16 -27.72 -25.37
CA GLN C 82 -8.42 -28.93 -24.59
C GLN C 82 -7.51 -28.95 -23.37
N THR C 83 -6.22 -28.72 -23.60
CA THR C 83 -5.17 -28.72 -22.56
C THR C 83 -5.47 -27.64 -21.52
N SER C 84 -5.90 -26.48 -22.03
CA SER C 84 -6.25 -25.31 -21.23
C SER C 84 -7.45 -25.59 -20.31
N VAL C 85 -8.47 -26.27 -20.83
CA VAL C 85 -9.69 -26.67 -20.07
C VAL C 85 -9.29 -27.63 -18.92
N ASP C 86 -8.43 -28.60 -19.25
CA ASP C 86 -7.94 -29.59 -18.31
C ASP C 86 -7.11 -28.92 -17.21
N GLN C 87 -6.31 -27.91 -17.57
CA GLN C 87 -5.35 -27.31 -16.66
C GLN C 87 -6.03 -26.24 -15.78
N ILE C 88 -7.01 -25.50 -16.31
CA ILE C 88 -7.65 -24.39 -15.56
C ILE C 88 -8.41 -24.97 -14.35
N THR C 89 -8.98 -26.17 -14.53
CA THR C 89 -9.70 -26.94 -13.51
C THR C 89 -8.81 -27.25 -12.30
N LEU C 90 -7.56 -27.64 -12.57
CA LEU C 90 -6.65 -28.08 -11.54
C LEU C 90 -6.12 -26.89 -10.73
N ILE C 91 -5.64 -25.85 -11.41
CA ILE C 91 -4.97 -24.74 -10.74
C ILE C 91 -5.99 -23.81 -10.06
N CYS C 92 -7.25 -23.78 -10.53
CA CYS C 92 -8.33 -23.00 -9.87
C CYS C 92 -9.54 -23.87 -9.61
N PRO C 93 -9.50 -24.79 -8.61
CA PRO C 93 -10.52 -25.83 -8.46
C PRO C 93 -11.97 -25.33 -8.32
N TYR C 94 -12.19 -24.33 -7.46
CA TYR C 94 -13.54 -23.93 -7.09
C TYR C 94 -13.68 -22.40 -7.12
N SER C 95 -12.99 -21.77 -8.08
CA SER C 95 -12.96 -20.32 -8.23
C SER C 95 -14.13 -19.87 -9.10
N TYR C 96 -14.77 -18.76 -8.71
CA TYR C 96 -15.80 -18.11 -9.51
C TYR C 96 -15.18 -17.57 -10.82
N GLY C 97 -13.93 -17.12 -10.75
CA GLY C 97 -13.20 -16.63 -11.92
C GLY C 97 -11.81 -17.27 -12.01
N ALA C 98 -11.37 -17.51 -13.25
CA ALA C 98 -10.04 -18.10 -13.52
C ALA C 98 -9.52 -17.63 -14.89
N SER C 99 -8.20 -17.50 -14.98
CA SER C 99 -7.46 -17.17 -16.21
C SER C 99 -6.28 -18.14 -16.36
N LEU C 100 -6.07 -18.61 -17.59
CA LEU C 100 -4.92 -19.42 -17.94
C LEU C 100 -4.36 -18.97 -19.29
N GLN C 101 -3.07 -18.63 -19.30
CA GLN C 101 -2.34 -18.27 -20.53
C GLN C 101 -1.26 -19.35 -20.76
N LEU C 102 -1.43 -20.06 -21.87
CA LEU C 102 -0.42 -20.95 -22.39
C LEU C 102 0.18 -20.27 -23.63
N GLU C 103 1.26 -20.83 -24.17
CA GLU C 103 1.95 -20.19 -25.29
C GLU C 103 0.98 -20.02 -26.47
N GLY C 104 0.10 -21.00 -26.68
CA GLY C 104 -0.77 -21.03 -27.86
C GLY C 104 -2.17 -20.45 -27.65
N CYS C 105 -2.63 -20.30 -26.40
CA CYS C 105 -4.02 -19.91 -26.17
C CYS C 105 -4.24 -19.34 -24.77
N PHE C 106 -5.34 -18.58 -24.66
CA PHE C 106 -5.79 -17.94 -23.45
C PHE C 106 -7.22 -18.40 -23.18
N LEU C 107 -7.57 -18.55 -21.89
CA LEU C 107 -8.88 -19.05 -21.47
C LEU C 107 -9.26 -18.31 -20.20
N ARG C 108 -10.46 -17.71 -20.20
CA ARG C 108 -10.92 -16.88 -19.10
C ARG C 108 -12.43 -17.10 -18.85
N TYR C 109 -12.80 -17.17 -17.57
CA TYR C 109 -14.20 -17.04 -17.20
C TYR C 109 -14.29 -16.31 -15.86
N GLU C 110 -15.46 -15.71 -15.62
CA GLU C 110 -15.81 -15.02 -14.39
C GLU C 110 -17.32 -15.10 -14.19
N THR C 111 -17.79 -14.67 -13.01
CA THR C 111 -19.20 -14.55 -12.72
C THR C 111 -19.70 -13.12 -12.98
N ASN C 112 -18.79 -12.17 -13.20
CA ASN C 112 -19.12 -10.79 -13.61
C ASN C 112 -18.91 -10.64 -15.12
N ASP C 113 -19.77 -9.84 -15.76
CA ASP C 113 -19.72 -9.66 -17.18
C ASP C 113 -18.60 -8.69 -17.53
N PHE C 114 -17.47 -9.22 -17.99
CA PHE C 114 -16.29 -8.43 -18.32
C PHE C 114 -16.17 -8.24 -19.84
N LEU C 115 -17.06 -8.90 -20.59
CA LEU C 115 -16.88 -9.08 -22.04
C LEU C 115 -17.03 -7.73 -22.75
N GLY C 116 -16.02 -7.40 -23.58
CA GLY C 116 -16.02 -6.19 -24.40
C GLY C 116 -15.55 -4.95 -23.65
N LYS C 117 -15.30 -5.09 -22.34
CA LYS C 117 -14.98 -3.95 -21.52
C LYS C 117 -13.45 -3.78 -21.46
N PRO C 118 -12.94 -2.54 -21.62
CA PRO C 118 -11.49 -2.31 -21.57
C PRO C 118 -10.95 -2.56 -20.15
N ASP C 119 -9.83 -3.27 -20.07
CA ASP C 119 -9.15 -3.56 -18.82
C ASP C 119 -7.66 -3.70 -19.11
N THR C 120 -6.87 -2.68 -18.72
CA THR C 120 -5.42 -2.62 -19.01
C THR C 120 -4.60 -3.05 -17.79
N SER C 121 -5.24 -3.65 -16.78
CA SER C 121 -4.53 -4.07 -15.57
C SER C 121 -3.54 -5.18 -15.93
N LEU C 122 -2.35 -5.11 -15.31
CA LEU C 122 -1.26 -6.05 -15.52
C LEU C 122 -1.62 -7.38 -14.88
N ARG C 123 -1.46 -8.47 -15.62
CA ARG C 123 -1.75 -9.82 -15.15
C ARG C 123 -0.45 -10.59 -14.93
N TYR C 124 0.56 -10.38 -15.79
CA TYR C 124 1.85 -11.06 -15.68
C TYR C 124 2.90 -10.34 -16.54
N LYS C 125 4.13 -10.26 -16.02
CA LYS C 125 5.26 -9.72 -16.78
C LYS C 125 6.50 -10.56 -16.46
N LYS C 126 7.42 -10.61 -17.43
CA LYS C 126 8.69 -11.27 -17.27
C LYS C 126 9.75 -10.51 -18.07
N CYS C 127 10.78 -10.02 -17.37
CA CYS C 127 11.97 -9.46 -18.01
C CYS C 127 13.03 -10.56 -18.11
N SER C 128 13.75 -10.59 -19.24
CA SER C 128 14.90 -11.45 -19.40
C SER C 128 15.93 -11.17 -18.30
N SER C 129 16.63 -12.22 -17.89
CA SER C 129 17.72 -12.13 -16.94
C SER C 129 18.89 -11.31 -17.52
N LYS C 130 19.08 -11.38 -18.84
CA LYS C 130 20.12 -10.62 -19.55
C LYS C 130 19.63 -9.21 -19.91
N SER C 131 20.43 -8.21 -19.52
CA SER C 131 20.28 -6.84 -19.98
C SER C 131 21.18 -6.63 -21.21
N VAL C 132 20.84 -5.61 -21.99
CA VAL C 132 21.73 -5.06 -22.99
C VAL C 132 22.26 -3.73 -22.43
N GLU C 133 23.56 -3.54 -22.59
CA GLU C 133 24.26 -2.37 -22.12
C GLU C 133 25.11 -1.84 -23.28
N ASN C 134 25.30 -0.52 -23.31
CA ASN C 134 26.20 0.12 -24.27
C ASN C 134 25.82 -0.31 -25.70
N ASP C 135 24.53 -0.31 -26.00
CA ASP C 135 24.05 -0.63 -27.35
C ASP C 135 22.76 0.16 -27.60
N TYR C 136 22.94 1.43 -27.97
CA TYR C 136 21.88 2.37 -28.29
C TYR C 136 21.03 1.86 -29.45
N ASP C 137 21.68 1.23 -30.43
CA ASP C 137 21.04 0.70 -31.64
C ASP C 137 19.98 -0.33 -31.25
N PHE C 138 20.28 -1.20 -30.28
CA PHE C 138 19.32 -2.18 -29.82
C PHE C 138 18.03 -1.48 -29.36
N PHE C 139 18.16 -0.38 -28.61
CA PHE C 139 17.02 0.25 -27.93
C PHE C 139 16.19 1.07 -28.92
N LYS C 140 16.84 1.65 -29.94
CA LYS C 140 16.12 2.38 -30.96
C LYS C 140 15.30 1.39 -31.81
N ARG C 141 15.85 0.18 -32.03
CA ARG C 141 15.17 -0.80 -32.87
C ARG C 141 14.01 -1.41 -32.07
N ARG C 142 14.23 -1.63 -30.77
CA ARG C 142 13.15 -2.00 -29.87
C ARG C 142 12.02 -0.98 -29.93
N ASP C 143 12.35 0.32 -29.89
CA ASP C 143 11.33 1.38 -29.96
C ASP C 143 10.54 1.30 -31.27
N ASP C 144 11.23 1.04 -32.38
CA ASP C 144 10.59 0.91 -33.71
C ASP C 144 9.61 -0.27 -33.71
N VAL C 145 10.07 -1.41 -33.16
CA VAL C 145 9.30 -2.61 -33.06
C VAL C 145 8.03 -2.35 -32.24
N LEU C 146 8.21 -1.81 -31.03
CA LEU C 146 7.11 -1.58 -30.09
C LEU C 146 6.12 -0.55 -30.66
N SER C 147 6.64 0.49 -31.31
CA SER C 147 5.80 1.50 -31.94
C SER C 147 4.89 0.83 -33.00
N ASP C 148 5.46 -0.13 -33.74
CA ASP C 148 4.72 -0.82 -34.78
C ASP C 148 3.65 -1.73 -34.15
N LEU C 149 4.01 -2.46 -33.09
CA LEU C 149 3.09 -3.38 -32.40
C LEU C 149 1.87 -2.62 -31.86
N GLU C 150 2.10 -1.40 -31.35
CA GLU C 150 1.06 -0.47 -30.84
C GLU C 150 0.07 -0.07 -31.93
N SER C 151 0.42 -0.30 -33.21
CA SER C 151 -0.37 0.09 -34.38
C SER C 151 -1.56 -0.86 -34.57
N THR C 152 -1.45 -2.06 -34.01
CA THR C 152 -2.49 -3.09 -34.12
C THR C 152 -3.85 -2.58 -33.63
N GLN C 153 -4.88 -2.86 -34.43
CA GLN C 153 -6.29 -2.56 -34.12
C GLN C 153 -7.08 -3.87 -33.94
N LEU C 154 -6.69 -4.93 -34.66
CA LEU C 154 -7.37 -6.25 -34.65
C LEU C 154 -6.33 -7.37 -34.71
N GLY C 155 -6.54 -8.42 -33.91
CA GLY C 155 -5.74 -9.63 -33.98
C GLY C 155 -4.32 -9.42 -33.48
N TYR C 156 -3.35 -9.74 -34.35
CA TYR C 156 -1.95 -9.79 -33.97
C TYR C 156 -1.09 -9.02 -34.97
N LYS C 157 0.14 -8.75 -34.53
CA LYS C 157 1.17 -8.10 -35.32
C LYS C 157 2.49 -8.81 -35.01
N VAL C 158 3.23 -9.14 -36.07
CA VAL C 158 4.62 -9.53 -35.96
C VAL C 158 5.45 -8.34 -36.44
N SER C 159 6.56 -8.08 -35.77
CA SER C 159 7.32 -6.88 -36.02
C SER C 159 8.82 -7.16 -35.90
N ARG C 160 9.62 -6.60 -36.83
CA ARG C 160 11.06 -6.82 -36.88
CA ARG C 160 11.05 -6.80 -36.82
C ARG C 160 11.77 -5.52 -37.27
N SER C 161 12.83 -5.17 -36.54
CA SER C 161 13.78 -4.12 -36.93
C SER C 161 15.19 -4.59 -36.56
N GLY C 162 16.00 -4.87 -37.59
CA GLY C 162 17.28 -5.52 -37.41
C GLY C 162 17.14 -6.87 -36.72
N LEU C 163 17.86 -7.02 -35.60
CA LEU C 163 17.88 -8.27 -34.82
C LEU C 163 16.78 -8.30 -33.74
N VAL C 164 15.97 -7.23 -33.61
CA VAL C 164 14.88 -7.19 -32.61
C VAL C 164 13.55 -7.60 -33.29
N GLU C 165 12.85 -8.57 -32.69
CA GLU C 165 11.56 -9.05 -33.17
C GLU C 165 10.50 -8.87 -32.08
N GLY C 166 9.23 -8.73 -32.52
CA GLY C 166 8.12 -8.47 -31.59
C GLY C 166 6.84 -9.21 -31.96
N TYR C 167 5.96 -9.40 -30.98
CA TYR C 167 4.65 -9.97 -31.18
C TYR C 167 3.67 -9.30 -30.21
N ALA C 168 2.52 -8.89 -30.74
CA ALA C 168 1.44 -8.32 -29.95
C ALA C 168 0.09 -8.93 -30.37
N GLN C 169 -0.80 -9.10 -29.39
CA GLN C 169 -2.12 -9.71 -29.61
C GLN C 169 -3.14 -9.00 -28.73
N CYS C 170 -4.26 -8.62 -29.34
CA CYS C 170 -5.47 -8.17 -28.65
C CYS C 170 -6.50 -9.29 -28.61
N VAL C 171 -7.10 -9.50 -27.43
CA VAL C 171 -8.14 -10.48 -27.28
C VAL C 171 -9.33 -9.96 -28.08
N GLY C 172 -10.01 -10.87 -28.76
CA GLY C 172 -10.96 -10.54 -29.80
C GLY C 172 -12.28 -9.95 -29.30
N ASP C 173 -12.42 -9.67 -27.98
CA ASP C 173 -13.60 -8.96 -27.44
C ASP C 173 -13.38 -7.43 -27.40
N LEU C 174 -12.26 -6.94 -27.95
CA LEU C 174 -11.95 -5.51 -27.88
C LEU C 174 -12.30 -4.83 -29.21
N SER C 175 -12.93 -3.65 -29.11
CA SER C 175 -13.05 -2.71 -30.22
C SER C 175 -11.66 -2.29 -30.69
N PRO C 176 -11.49 -1.88 -31.97
CA PRO C 176 -10.22 -1.35 -32.48
C PRO C 176 -9.54 -0.26 -31.63
N SER C 177 -10.32 0.71 -31.16
CA SER C 177 -9.75 1.79 -30.36
C SER C 177 -9.32 1.24 -28.99
N ASP C 178 -10.10 0.32 -28.42
CA ASP C 178 -9.76 -0.29 -27.14
C ASP C 178 -8.50 -1.14 -27.28
N CYS C 179 -8.35 -1.85 -28.42
CA CYS C 179 -7.15 -2.65 -28.72
C CYS C 179 -5.91 -1.75 -28.73
N THR C 180 -5.96 -0.65 -29.48
CA THR C 180 -4.84 0.32 -29.58
C THR C 180 -4.43 0.79 -28.18
N ALA C 181 -5.41 1.14 -27.35
CA ALA C 181 -5.19 1.69 -25.99
C ALA C 181 -4.60 0.61 -25.07
N CYS C 182 -5.07 -0.64 -25.21
CA CYS C 182 -4.54 -1.76 -24.42
C CYS C 182 -3.06 -1.97 -24.75
N LEU C 183 -2.71 -2.06 -26.05
CA LEU C 183 -1.33 -2.35 -26.47
C LEU C 183 -0.41 -1.18 -26.12
N ALA C 184 -0.92 0.05 -26.24
CA ALA C 184 -0.22 1.25 -25.78
C ALA C 184 0.16 1.09 -24.30
N GLU C 185 -0.73 0.55 -23.47
CA GLU C 185 -0.40 0.32 -22.07
C GLU C 185 0.65 -0.80 -21.96
N SER C 186 0.55 -1.83 -22.81
CA SER C 186 1.49 -2.96 -22.83
C SER C 186 2.92 -2.47 -23.04
N VAL C 187 3.10 -1.64 -24.05
CA VAL C 187 4.38 -1.15 -24.50
C VAL C 187 4.97 -0.23 -23.42
N GLY C 188 4.14 0.69 -22.90
CA GLY C 188 4.53 1.50 -21.78
C GLY C 188 5.13 0.65 -20.67
N LYS C 189 4.41 -0.43 -20.29
CA LYS C 189 4.81 -1.33 -19.21
C LYS C 189 6.14 -2.03 -19.55
N LEU C 190 6.29 -2.47 -20.81
CA LEU C 190 7.50 -3.15 -21.24
C LEU C 190 8.70 -2.23 -20.98
N LYS C 191 8.55 -0.96 -21.37
CA LYS C 191 9.64 0.01 -21.27
C LYS C 191 9.89 0.37 -19.80
N ASN C 192 8.82 0.51 -19.00
CA ASN C 192 8.93 1.02 -17.62
C ASN C 192 9.46 -0.08 -16.69
N LEU C 193 9.03 -1.34 -16.92
CA LEU C 193 9.36 -2.45 -16.01
C LEU C 193 10.59 -3.23 -16.50
N CYS C 194 10.83 -3.26 -17.81
CA CYS C 194 11.91 -4.09 -18.38
C CYS C 194 12.84 -3.20 -19.24
N GLY C 195 13.38 -2.15 -18.61
CA GLY C 195 14.08 -1.06 -19.30
C GLY C 195 15.19 -1.55 -20.21
N SER C 196 16.07 -2.42 -19.68
CA SER C 196 17.33 -2.80 -20.35
C SER C 196 17.32 -4.28 -20.78
N ALA C 197 16.17 -4.95 -20.62
CA ALA C 197 16.02 -6.37 -20.92
C ALA C 197 16.20 -6.65 -22.42
N VAL C 198 16.91 -7.73 -22.74
CA VAL C 198 17.12 -8.17 -24.13
C VAL C 198 15.82 -8.80 -24.67
N ALA C 199 14.99 -9.30 -23.75
CA ALA C 199 13.67 -9.85 -24.07
C ALA C 199 12.72 -9.66 -22.89
N ALA C 200 11.44 -9.42 -23.19
CA ALA C 200 10.42 -9.24 -22.17
C ALA C 200 9.02 -9.50 -22.74
N GLU C 201 8.10 -9.90 -21.86
CA GLU C 201 6.68 -10.07 -22.17
C GLU C 201 5.84 -9.34 -21.11
N VAL C 202 4.75 -8.71 -21.54
CA VAL C 202 3.74 -8.14 -20.64
C VAL C 202 2.36 -8.63 -21.10
N TYR C 203 1.57 -9.17 -20.17
CA TYR C 203 0.21 -9.60 -20.44
C TYR C 203 -0.74 -8.76 -19.57
N LEU C 204 -1.62 -8.00 -20.22
CA LEU C 204 -2.71 -7.30 -19.57
C LEU C 204 -3.97 -8.16 -19.69
N ALA C 205 -5.07 -7.69 -19.09
CA ALA C 205 -6.31 -8.45 -19.04
C ALA C 205 -6.79 -8.80 -20.45
N GLN C 206 -6.65 -7.87 -21.41
CA GLN C 206 -7.26 -8.00 -22.75
C GLN C 206 -6.24 -7.96 -23.90
N CYS C 207 -4.94 -7.98 -23.60
CA CYS C 207 -3.93 -7.94 -24.66
C CYS C 207 -2.57 -8.37 -24.10
N TYR C 208 -1.63 -8.66 -25.00
CA TYR C 208 -0.25 -8.85 -24.59
C TYR C 208 0.70 -8.45 -25.72
N ALA C 209 1.96 -8.22 -25.33
CA ALA C 209 3.03 -7.79 -26.21
C ALA C 209 4.37 -8.30 -25.67
N ARG C 210 5.18 -8.82 -26.59
CA ARG C 210 6.47 -9.50 -26.36
C ARG C 210 7.54 -8.88 -27.28
N TYR C 211 8.78 -8.76 -26.82
CA TYR C 211 9.90 -8.60 -27.76
C TYR C 211 11.08 -9.47 -27.31
N TRP C 212 11.94 -9.80 -28.27
CA TRP C 212 13.20 -10.53 -28.05
C TRP C 212 14.23 -10.16 -29.13
N GLY C 213 15.51 -10.41 -28.85
CA GLY C 213 16.59 -10.27 -29.83
C GLY C 213 16.92 -11.59 -30.49
N SER C 214 17.34 -11.54 -31.77
CA SER C 214 17.94 -12.69 -32.51
C SER C 214 19.47 -12.68 -32.35
N GLY C 215 20.14 -13.60 -33.06
CA GLY C 215 21.61 -13.67 -33.14
C GLY C 215 22.27 -13.62 -31.76
C1 NAG D . -2.01 1.31 44.60
C2 NAG D . -0.95 1.81 45.58
C3 NAG D . -0.65 0.70 46.59
C4 NAG D . -1.92 -0.02 47.09
C5 NAG D . -2.95 -0.31 46.01
C6 NAG D . -4.28 -0.85 46.56
C7 NAG D . 0.35 3.47 44.28
C8 NAG D . 1.65 3.75 43.59
N2 NAG D . 0.25 2.26 44.88
O3 NAG D . 0.09 1.24 47.70
O4 NAG D . -1.53 -1.26 47.69
O5 NAG D . -3.20 0.88 45.27
O6 NAG D . -4.99 -1.51 45.51
O7 NAG D . -0.56 4.30 44.28
C1 NAG E . 4.23 18.09 -20.61
C2 NAG E . 3.00 18.64 -21.34
C3 NAG E . 2.91 17.92 -22.70
C4 NAG E . 4.25 17.96 -23.44
C5 NAG E . 5.44 17.56 -22.56
C6 NAG E . 6.80 17.74 -23.26
C7 NAG E . 1.43 19.21 -19.50
C8 NAG E . 0.09 18.91 -18.88
N2 NAG E . 1.76 18.48 -20.57
O3 NAG E . 1.88 18.50 -23.52
O4 NAG E . 4.17 17.07 -24.56
O5 NAG E . 5.42 18.34 -21.37
O6 NAG E . 7.86 17.29 -22.40
O7 NAG E . 2.16 20.08 -19.02
#